data_8XSC
#
_entry.id   8XSC
#
_cell.length_a   79.072
_cell.length_b   79.072
_cell.length_c   147.274
_cell.angle_alpha   90.00
_cell.angle_beta   90.00
_cell.angle_gamma   120.00
#
_symmetry.space_group_name_H-M   'H 3'
#
loop_
_entity.id
_entity.type
_entity.pdbx_description
1 polymer 'Phosphopantetheine adenylyltransferase'
2 non-polymer "4'-PHOSPHOPANTETHEINE"
3 water water
#
_entity_poly.entity_id   1
_entity_poly.type   'polypeptide(L)'
_entity_poly.pdbx_seq_one_letter_code
;MQKIGIYPGTFDPVTNGHIDIIHRSSELFEKLIVAVAHSSAKNPMFSLDERLKMIQLATKSFKNVECVAFEGLLANLAKE
YHCKVLVRGLRVVSDFEYELQMGYANKSLNHELETLYFMPTLQNAFISSSIVRSIIAHKGDASHLVPKEIYPLISKA
;
_entity_poly.pdbx_strand_id   A,B
#
loop_
_chem_comp.id
_chem_comp.type
_chem_comp.name
_chem_comp.formula
PNS non-polymer 4'-PHOSPHOPANTETHEINE 'C11 H23 N2 O7 P S'
#
# COMPACT_ATOMS: atom_id res chain seq x y z
N MET A 1 12.20 2.76 -9.65
CA MET A 1 10.97 2.33 -8.89
C MET A 1 9.75 3.07 -9.46
N GLN A 2 9.88 4.39 -9.68
CA GLN A 2 8.83 5.30 -10.19
C GLN A 2 8.63 5.18 -11.72
N LYS A 3 9.51 4.49 -12.43
CA LYS A 3 9.44 4.32 -13.91
C LYS A 3 8.21 3.52 -14.32
N ILE A 4 7.97 2.38 -13.67
CA ILE A 4 6.92 1.41 -14.04
C ILE A 4 6.35 0.74 -12.79
N GLY A 5 5.02 0.61 -12.75
CA GLY A 5 4.22 -0.21 -11.82
C GLY A 5 3.39 -1.23 -12.57
N ILE A 6 3.19 -2.39 -11.96
CA ILE A 6 2.33 -3.47 -12.48
C ILE A 6 1.18 -3.67 -11.49
N TYR A 7 -0.06 -3.57 -11.99
CA TYR A 7 -1.30 -3.88 -11.24
C TYR A 7 -1.81 -5.23 -11.76
N PRO A 8 -1.44 -6.37 -11.14
CA PRO A 8 -1.85 -7.69 -11.61
C PRO A 8 -3.25 -8.07 -11.11
N GLY A 9 -3.97 -8.91 -11.82
CA GLY A 9 -5.30 -9.36 -11.36
C GLY A 9 -5.90 -10.36 -12.29
N THR A 10 -6.95 -11.03 -11.83
CA THR A 10 -7.84 -11.86 -12.68
C THR A 10 -8.85 -10.95 -13.37
N PHE A 11 -9.33 -9.88 -12.74
CA PHE A 11 -10.27 -8.85 -13.28
C PHE A 11 -11.47 -9.51 -13.99
N ASP A 12 -12.22 -10.34 -13.25
CA ASP A 12 -13.28 -11.26 -13.74
C ASP A 12 -14.61 -10.89 -13.06
N PRO A 13 -15.22 -9.73 -13.40
CA PRO A 13 -14.65 -8.73 -14.32
C PRO A 13 -14.04 -7.56 -13.55
N VAL A 14 -13.39 -6.67 -14.29
CA VAL A 14 -12.94 -5.37 -13.72
C VAL A 14 -14.18 -4.68 -13.13
N THR A 15 -14.02 -4.12 -11.93
CA THR A 15 -15.05 -3.40 -11.17
C THR A 15 -14.64 -1.95 -10.98
N ASN A 16 -15.53 -1.16 -10.41
CA ASN A 16 -15.26 0.27 -10.09
C ASN A 16 -14.15 0.38 -9.04
N GLY A 17 -14.10 -0.53 -8.06
CA GLY A 17 -12.96 -0.61 -7.12
C GLY A 17 -11.61 -0.66 -7.83
N HIS A 18 -11.45 -1.58 -8.80
CA HIS A 18 -10.24 -1.72 -9.66
C HIS A 18 -9.89 -0.40 -10.37
N ILE A 19 -10.89 0.26 -10.98
CA ILE A 19 -10.72 1.57 -11.68
C ILE A 19 -10.14 2.60 -10.70
N ASP A 20 -10.62 2.73 -9.46
CA ASP A 20 -10.06 3.67 -8.43
C ASP A 20 -8.56 3.39 -8.19
N ILE A 21 -8.16 2.13 -8.18
CA ILE A 21 -6.76 1.70 -7.88
C ILE A 21 -5.88 2.10 -9.08
N ILE A 22 -6.36 1.85 -10.31
CA ILE A 22 -5.67 2.21 -11.59
C ILE A 22 -5.50 3.74 -11.62
N HIS A 23 -6.56 4.44 -11.26
CA HIS A 23 -6.59 5.92 -11.29
C HIS A 23 -5.49 6.40 -10.36
N ARG A 24 -5.51 5.96 -9.12
CA ARG A 24 -4.62 6.48 -8.04
C ARG A 24 -3.19 6.01 -8.28
N SER A 25 -3.03 4.73 -8.60
CA SER A 25 -1.67 4.14 -8.78
C SER A 25 -0.99 4.70 -10.04
N SER A 26 -1.74 4.89 -11.14
CA SER A 26 -1.23 5.52 -12.38
C SER A 26 -0.69 6.94 -12.14
N GLU A 27 -1.21 7.69 -11.16
CA GLU A 27 -0.71 9.06 -10.86
C GLU A 27 0.69 8.96 -10.23
N LEU A 28 1.09 7.80 -9.73
CA LEU A 28 2.35 7.70 -8.94
C LEU A 28 3.50 7.17 -9.81
N PHE A 29 3.22 6.39 -10.86
CA PHE A 29 4.23 5.77 -11.77
C PHE A 29 4.19 6.48 -13.13
N GLU A 30 5.32 6.58 -13.83
CA GLU A 30 5.36 7.16 -15.22
C GLU A 30 4.50 6.29 -16.15
N LYS A 31 4.45 4.98 -15.91
CA LYS A 31 3.68 4.01 -16.72
C LYS A 31 3.15 2.88 -15.81
N LEU A 32 1.86 2.58 -15.96
CA LEU A 32 1.23 1.49 -15.19
C LEU A 32 0.83 0.41 -16.20
N ILE A 33 1.28 -0.82 -15.96
CA ILE A 33 0.88 -2.02 -16.72
C ILE A 33 -0.19 -2.72 -15.92
N VAL A 34 -1.40 -2.82 -16.48
CA VAL A 34 -2.49 -3.68 -15.95
C VAL A 34 -2.31 -5.07 -16.56
N ALA A 35 -1.95 -6.03 -15.71
CA ALA A 35 -1.55 -7.40 -16.11
C ALA A 35 -2.70 -8.32 -15.74
N VAL A 36 -3.42 -8.78 -16.75
CA VAL A 36 -4.56 -9.72 -16.61
C VAL A 36 -4.01 -11.14 -16.73
N ALA A 37 -4.05 -11.89 -15.64
CA ALA A 37 -3.53 -13.27 -15.59
C ALA A 37 -4.59 -14.23 -16.14
N HIS A 38 -4.17 -15.25 -16.86
CA HIS A 38 -5.12 -16.24 -17.38
C HIS A 38 -5.98 -16.72 -16.21
N SER A 39 -5.31 -17.22 -15.16
CA SER A 39 -5.93 -17.78 -13.95
C SER A 39 -6.85 -18.93 -14.36
N SER A 40 -6.40 -19.81 -15.26
CA SER A 40 -7.05 -21.11 -15.60
C SER A 40 -7.66 -21.77 -14.38
N ALA A 41 -6.86 -21.97 -13.33
CA ALA A 41 -7.12 -22.88 -12.16
C ALA A 41 -8.31 -22.39 -11.33
N LYS A 42 -8.35 -21.09 -11.01
CA LYS A 42 -9.62 -20.34 -10.84
C LYS A 42 -10.41 -20.78 -12.06
N ASN A 43 -11.70 -20.59 -12.13
CA ASN A 43 -12.45 -20.95 -13.35
C ASN A 43 -13.14 -19.67 -13.78
N PRO A 44 -12.42 -18.65 -14.32
CA PRO A 44 -12.98 -17.30 -14.40
C PRO A 44 -14.25 -17.39 -15.26
N MET A 45 -15.23 -16.54 -14.94
CA MET A 45 -16.54 -16.50 -15.64
C MET A 45 -16.30 -15.97 -17.06
N PHE A 46 -15.39 -14.99 -17.21
CA PHE A 46 -15.05 -14.37 -18.52
C PHE A 46 -13.73 -14.94 -19.07
N SER A 47 -13.66 -15.13 -20.40
CA SER A 47 -12.44 -15.64 -21.05
C SER A 47 -11.30 -14.63 -20.81
N LEU A 48 -10.04 -15.05 -20.96
CA LEU A 48 -8.89 -14.13 -20.78
C LEU A 48 -9.03 -13.02 -21.80
N ASP A 49 -9.52 -13.34 -23.00
CA ASP A 49 -9.65 -12.35 -24.10
C ASP A 49 -10.77 -11.34 -23.75
N GLU A 50 -11.90 -11.79 -23.23
CA GLU A 50 -12.98 -10.85 -22.82
C GLU A 50 -12.48 -9.92 -21.71
N ARG A 51 -11.86 -10.47 -20.67
CA ARG A 51 -11.28 -9.70 -19.53
C ARG A 51 -10.24 -8.67 -20.02
N LEU A 52 -9.37 -9.02 -20.97
CA LEU A 52 -8.39 -8.00 -21.47
C LEU A 52 -9.20 -6.91 -22.16
N LYS A 53 -10.15 -7.30 -22.99
CA LYS A 53 -10.86 -6.29 -23.82
C LYS A 53 -11.66 -5.37 -22.89
N MET A 54 -12.19 -5.88 -21.78
CA MET A 54 -13.01 -5.06 -20.83
C MET A 54 -12.12 -4.01 -20.16
N ILE A 55 -10.99 -4.44 -19.64
CA ILE A 55 -10.11 -3.49 -18.91
C ILE A 55 -9.52 -2.53 -19.95
N GLN A 56 -9.13 -3.02 -21.11
CA GLN A 56 -8.62 -2.17 -22.22
C GLN A 56 -9.62 -1.02 -22.44
N LEU A 57 -10.91 -1.32 -22.61
CA LEU A 57 -11.93 -0.25 -22.84
C LEU A 57 -12.11 0.63 -21.60
N ALA A 58 -12.06 0.06 -20.40
CA ALA A 58 -12.32 0.80 -19.15
C ALA A 58 -11.13 1.74 -18.84
N THR A 59 -9.96 1.55 -19.43
CA THR A 59 -8.74 2.33 -19.07
C THR A 59 -8.34 3.28 -20.20
N LYS A 60 -9.09 3.32 -21.29
CA LYS A 60 -8.65 3.99 -22.56
C LYS A 60 -8.41 5.49 -22.31
N SER A 61 -9.12 6.08 -21.34
CA SER A 61 -8.99 7.48 -20.88
C SER A 61 -7.67 7.71 -20.12
N PHE A 62 -7.03 6.68 -19.55
CA PHE A 62 -5.74 6.82 -18.79
C PHE A 62 -4.59 6.62 -19.77
N LYS A 63 -3.85 7.70 -20.03
CA LYS A 63 -2.90 7.79 -21.18
C LYS A 63 -1.60 7.03 -20.90
N ASN A 64 -1.17 6.98 -19.63
CA ASN A 64 0.03 6.23 -19.20
C ASN A 64 -0.32 4.80 -18.72
N VAL A 65 -1.51 4.28 -19.02
CA VAL A 65 -1.90 2.91 -18.55
C VAL A 65 -1.87 1.99 -19.75
N GLU A 66 -1.26 0.83 -19.60
CA GLU A 66 -1.25 -0.20 -20.67
C GLU A 66 -1.69 -1.55 -20.10
N CYS A 67 -2.55 -2.25 -20.84
CA CYS A 67 -3.15 -3.55 -20.42
C CYS A 67 -2.47 -4.70 -21.16
N VAL A 68 -2.12 -5.79 -20.46
CA VAL A 68 -1.52 -6.99 -21.11
C VAL A 68 -2.07 -8.26 -20.45
N ALA A 69 -2.23 -9.32 -21.24
CA ALA A 69 -2.67 -10.64 -20.73
C ALA A 69 -1.43 -11.53 -20.69
N PHE A 70 -1.27 -12.30 -19.62
CA PHE A 70 -0.06 -13.13 -19.42
C PHE A 70 -0.46 -14.49 -18.84
N GLU A 71 0.35 -15.49 -19.18
CA GLU A 71 0.15 -16.93 -18.92
C GLU A 71 1.05 -17.43 -17.78
N GLY A 72 2.09 -16.67 -17.41
CA GLY A 72 3.21 -17.17 -16.60
C GLY A 72 3.12 -16.70 -15.17
N LEU A 73 4.25 -16.78 -14.49
CA LEU A 73 4.46 -16.21 -13.14
C LEU A 73 4.58 -14.69 -13.24
N LEU A 74 3.84 -13.99 -12.38
CA LEU A 74 3.89 -12.53 -12.31
C LEU A 74 5.32 -12.03 -12.05
N ALA A 75 6.05 -12.68 -11.15
CA ALA A 75 7.42 -12.27 -10.72
C ALA A 75 8.35 -12.24 -11.92
N ASN A 76 8.18 -13.17 -12.88
CA ASN A 76 8.97 -13.21 -14.13
C ASN A 76 8.50 -12.08 -15.05
N LEU A 77 7.18 -11.81 -15.09
CA LEU A 77 6.65 -10.73 -15.95
C LEU A 77 7.22 -9.37 -15.51
N ALA A 78 7.31 -9.10 -14.21
CA ALA A 78 7.88 -7.86 -13.68
C ALA A 78 9.36 -7.78 -14.05
N LYS A 79 10.10 -8.90 -13.99
CA LYS A 79 11.55 -8.92 -14.33
C LYS A 79 11.68 -8.53 -15.81
N GLU A 80 10.74 -8.93 -16.65
CA GLU A 80 10.80 -8.64 -18.10
C GLU A 80 10.52 -7.16 -18.33
N TYR A 81 9.77 -6.49 -17.45
CA TYR A 81 9.47 -5.04 -17.58
C TYR A 81 10.47 -4.19 -16.79
N HIS A 82 11.47 -4.80 -16.14
CA HIS A 82 12.39 -4.13 -15.19
C HIS A 82 11.52 -3.38 -14.20
N CYS A 83 10.47 -4.07 -13.70
CA CYS A 83 9.48 -3.50 -12.77
C CYS A 83 9.81 -3.94 -11.35
N LYS A 84 9.96 -2.99 -10.42
CA LYS A 84 10.28 -3.26 -9.00
C LYS A 84 9.04 -3.07 -8.10
N VAL A 85 7.88 -2.68 -8.61
CA VAL A 85 6.75 -2.37 -7.68
C VAL A 85 5.50 -3.01 -8.25
N LEU A 86 4.91 -3.93 -7.48
CA LEU A 86 3.54 -4.42 -7.74
C LEU A 86 2.53 -3.53 -7.02
N VAL A 87 1.42 -3.25 -7.69
CA VAL A 87 0.29 -2.46 -7.15
C VAL A 87 -0.83 -3.44 -6.83
N ARG A 88 -1.38 -3.39 -5.60
CA ARG A 88 -2.57 -4.19 -5.23
C ARG A 88 -3.54 -3.28 -4.51
N GLY A 89 -4.81 -3.67 -4.55
CA GLY A 89 -5.88 -2.93 -3.88
C GLY A 89 -6.23 -3.56 -2.55
N LEU A 90 -6.60 -2.77 -1.55
CA LEU A 90 -7.10 -3.30 -0.26
C LEU A 90 -8.56 -2.83 -0.04
N ARG A 91 -9.42 -3.81 0.31
CA ARG A 91 -10.89 -3.69 0.46
C ARG A 91 -11.32 -4.30 1.78
N VAL A 92 -12.56 -4.04 2.16
CA VAL A 92 -13.12 -4.55 3.42
C VAL A 92 -12.97 -6.08 3.46
N VAL A 93 -13.18 -6.77 2.33
CA VAL A 93 -13.22 -8.25 2.40
C VAL A 93 -11.89 -8.80 1.89
N SER A 94 -10.85 -7.98 1.74
CA SER A 94 -9.51 -8.54 1.38
C SER A 94 -9.13 -9.61 2.42
N ASP A 95 -8.47 -10.66 1.94
CA ASP A 95 -7.75 -11.62 2.81
C ASP A 95 -6.38 -11.01 3.10
N PHE A 96 -6.30 -10.22 4.15
CA PHE A 96 -5.13 -9.33 4.34
C PHE A 96 -3.87 -10.20 4.46
N GLU A 97 -3.93 -11.32 5.19
CA GLU A 97 -2.71 -12.13 5.46
C GLU A 97 -2.24 -12.80 4.16
N TYR A 98 -3.19 -13.26 3.35
CA TYR A 98 -2.85 -13.86 2.03
C TYR A 98 -2.19 -12.82 1.12
N GLU A 99 -2.63 -11.56 1.16
CA GLU A 99 -1.98 -10.49 0.34
C GLU A 99 -0.53 -10.34 0.78
N LEU A 100 -0.31 -10.32 2.10
CA LEU A 100 1.06 -10.22 2.67
C LEU A 100 1.90 -11.40 2.19
N GLN A 101 1.40 -12.61 2.40
CA GLN A 101 2.07 -13.85 1.96
C GLN A 101 2.43 -13.73 0.47
N MET A 102 1.48 -13.32 -0.38
CA MET A 102 1.68 -13.26 -1.85
C MET A 102 2.76 -12.19 -2.15
N GLY A 103 2.75 -11.06 -1.45
CA GLY A 103 3.82 -10.05 -1.50
C GLY A 103 5.19 -10.68 -1.25
N TYR A 104 5.33 -11.50 -0.21
CA TYR A 104 6.63 -12.11 0.17
C TYR A 104 6.94 -13.26 -0.78
N ALA A 105 5.96 -14.05 -1.21
CA ALA A 105 6.18 -15.07 -2.26
C ALA A 105 6.76 -14.42 -3.52
N ASN A 106 6.21 -13.26 -3.94
CA ASN A 106 6.62 -12.53 -5.18
C ASN A 106 8.04 -12.02 -5.01
N LYS A 107 8.34 -11.47 -3.83
CA LYS A 107 9.72 -11.07 -3.45
C LYS A 107 10.68 -12.27 -3.49
N SER A 108 10.36 -13.39 -2.85
CA SER A 108 11.30 -14.54 -2.80
C SER A 108 11.61 -15.01 -4.23
N LEU A 109 10.66 -14.87 -5.18
CA LEU A 109 10.81 -15.28 -6.61
C LEU A 109 11.53 -14.21 -7.45
N ASN A 110 11.36 -12.94 -7.13
CA ASN A 110 12.05 -11.81 -7.78
C ASN A 110 12.48 -10.86 -6.69
N HIS A 111 13.76 -10.90 -6.30
CA HIS A 111 14.28 -10.25 -5.07
C HIS A 111 14.23 -8.72 -5.15
N GLU A 112 13.92 -8.14 -6.32
CA GLU A 112 13.77 -6.67 -6.52
C GLU A 112 12.31 -6.19 -6.42
N LEU A 113 11.37 -7.06 -6.08
CA LEU A 113 9.93 -6.84 -6.38
C LEU A 113 9.15 -6.67 -5.07
N GLU A 114 8.92 -5.40 -4.71
CA GLU A 114 8.08 -4.95 -3.57
C GLU A 114 6.63 -4.88 -4.03
N THR A 115 5.73 -4.97 -3.07
CA THR A 115 4.27 -4.75 -3.27
C THR A 115 3.82 -3.56 -2.44
N LEU A 116 3.04 -2.70 -3.07
CA LEU A 116 2.49 -1.45 -2.54
C LEU A 116 0.96 -1.58 -2.55
N TYR A 117 0.22 -1.08 -1.55
CA TYR A 117 -1.26 -1.19 -1.51
C TYR A 117 -1.96 0.17 -1.49
N PHE A 118 -2.95 0.28 -2.37
CA PHE A 118 -3.85 1.44 -2.45
C PHE A 118 -5.22 1.01 -1.97
N MET A 119 -6.06 2.00 -1.75
CA MET A 119 -7.49 1.79 -1.39
C MET A 119 -8.35 2.36 -2.49
N PRO A 120 -9.49 1.71 -2.77
CA PRO A 120 -10.54 2.34 -3.57
C PRO A 120 -11.26 3.44 -2.75
N THR A 121 -12.18 4.12 -3.39
CA THR A 121 -13.03 5.16 -2.77
C THR A 121 -14.00 4.47 -1.81
N LEU A 122 -14.48 5.23 -0.85
CA LEU A 122 -15.22 4.65 0.29
C LEU A 122 -16.48 4.00 -0.27
N GLN A 123 -17.12 4.66 -1.24
CA GLN A 123 -18.36 4.14 -1.89
C GLN A 123 -18.06 2.72 -2.41
N ASN A 124 -16.82 2.47 -2.91
CA ASN A 124 -16.46 1.18 -3.58
C ASN A 124 -15.67 0.27 -2.66
N ALA A 125 -15.52 0.60 -1.38
CA ALA A 125 -14.67 -0.19 -0.46
C ALA A 125 -15.37 -1.55 -0.26
N PHE A 126 -16.68 -1.59 -0.47
CA PHE A 126 -17.49 -2.82 -0.31
C PHE A 126 -17.71 -3.57 -1.63
N ILE A 127 -17.00 -3.26 -2.71
CA ILE A 127 -17.17 -4.05 -3.97
C ILE A 127 -16.13 -5.16 -4.00
N SER A 128 -16.55 -6.34 -4.39
CA SER A 128 -15.67 -7.45 -4.84
C SER A 128 -16.21 -7.98 -6.16
N SER A 129 -15.31 -8.35 -7.07
CA SER A 129 -15.66 -9.13 -8.28
C SER A 129 -16.53 -10.33 -7.92
N SER A 130 -16.33 -10.99 -6.76
CA SER A 130 -17.12 -12.20 -6.40
C SER A 130 -18.62 -11.87 -6.21
N ILE A 131 -18.95 -10.80 -5.48
CA ILE A 131 -20.31 -10.19 -5.42
C ILE A 131 -20.85 -9.96 -6.83
N VAL A 132 -20.00 -9.35 -7.66
CA VAL A 132 -20.35 -8.90 -9.04
C VAL A 132 -20.70 -10.14 -9.87
N ARG A 133 -19.91 -11.21 -9.78
CA ARG A 133 -20.19 -12.48 -10.50
C ARG A 133 -21.51 -13.11 -10.01
N SER A 134 -21.84 -13.05 -8.73
CA SER A 134 -23.12 -13.61 -8.23
C SER A 134 -24.27 -12.86 -8.93
N ILE A 135 -24.22 -11.53 -8.91
CA ILE A 135 -25.30 -10.67 -9.45
C ILE A 135 -25.44 -10.98 -10.95
N ILE A 136 -24.32 -11.11 -11.67
CA ILE A 136 -24.31 -11.38 -13.14
C ILE A 136 -24.92 -12.76 -13.41
N ALA A 137 -24.57 -13.76 -12.61
CA ALA A 137 -25.00 -15.16 -12.82
C ALA A 137 -26.51 -15.27 -12.55
N HIS A 138 -27.03 -14.52 -11.57
CA HIS A 138 -28.47 -14.48 -11.25
C HIS A 138 -29.13 -13.33 -12.01
N LYS A 139 -28.39 -12.79 -12.98
CA LYS A 139 -28.95 -12.00 -14.08
C LYS A 139 -29.48 -10.68 -13.51
N GLY A 140 -28.88 -10.21 -12.41
CA GLY A 140 -29.30 -9.01 -11.66
C GLY A 140 -28.61 -7.74 -12.14
N ASP A 141 -28.85 -6.61 -11.50
CA ASP A 141 -28.28 -5.32 -11.96
C ASP A 141 -26.93 -5.08 -11.29
N ALA A 142 -25.85 -5.26 -12.04
CA ALA A 142 -24.49 -4.93 -11.59
C ALA A 142 -24.04 -3.57 -12.13
N SER A 143 -24.90 -2.82 -12.83
CA SER A 143 -24.56 -1.56 -13.56
C SER A 143 -23.80 -0.60 -12.63
N HIS A 144 -24.16 -0.61 -11.36
CA HIS A 144 -23.70 0.34 -10.32
C HIS A 144 -22.30 -0.05 -9.82
N LEU A 145 -21.77 -1.22 -10.21
CA LEU A 145 -20.58 -1.85 -9.58
C LEU A 145 -19.38 -1.94 -10.55
N VAL A 146 -19.64 -1.82 -11.85
CA VAL A 146 -18.62 -1.89 -12.94
C VAL A 146 -18.67 -0.62 -13.78
N PRO A 147 -17.56 -0.30 -14.50
CA PRO A 147 -17.54 0.80 -15.46
C PRO A 147 -18.50 0.52 -16.63
N LYS A 148 -19.28 1.51 -17.03
CA LYS A 148 -20.41 1.32 -18.00
C LYS A 148 -19.87 0.88 -19.37
N GLU A 149 -18.66 1.33 -19.74
CA GLU A 149 -18.04 0.99 -21.05
C GLU A 149 -17.82 -0.54 -21.16
N ILE A 150 -17.88 -1.30 -20.06
CA ILE A 150 -17.84 -2.79 -20.19
C ILE A 150 -19.25 -3.40 -20.09
N TYR A 151 -20.24 -2.69 -19.55
CA TYR A 151 -21.48 -3.41 -19.12
C TYR A 151 -22.19 -3.93 -20.39
N PRO A 152 -21.93 -3.42 -21.61
CA PRO A 152 -22.47 -4.04 -22.82
C PRO A 152 -22.31 -5.55 -22.85
N LEU A 153 -21.23 -6.02 -22.24
CA LEU A 153 -20.65 -7.35 -22.46
C LEU A 153 -21.01 -8.28 -21.30
N ILE A 154 -20.66 -7.90 -20.07
CA ILE A 154 -20.83 -8.81 -18.90
C ILE A 154 -22.32 -9.18 -18.83
N SER A 155 -23.20 -8.18 -18.97
CA SER A 155 -24.68 -8.30 -18.90
C SER A 155 -25.17 -9.38 -19.88
N LYS A 156 -24.37 -9.70 -20.91
CA LYS A 156 -24.72 -10.60 -22.06
C LYS A 156 -23.99 -11.94 -21.97
N ALA A 157 -22.67 -11.91 -21.81
CA ALA A 157 -21.79 -13.10 -21.79
C ALA A 157 -20.39 -12.72 -21.27
N MET B 1 0.99 14.48 -6.86
CA MET B 1 0.85 13.28 -5.94
C MET B 1 2.24 12.81 -5.46
N GLN B 2 3.15 12.56 -6.41
CA GLN B 2 4.52 12.01 -6.18
C GLN B 2 5.51 13.03 -5.59
N LYS B 3 5.11 14.30 -5.40
CA LYS B 3 6.01 15.38 -4.90
C LYS B 3 6.40 15.19 -3.44
N ILE B 4 5.46 14.78 -2.60
CA ILE B 4 5.68 14.74 -1.14
C ILE B 4 4.76 13.69 -0.52
N GLY B 5 5.28 12.94 0.43
CA GLY B 5 4.52 12.01 1.26
C GLY B 5 4.80 12.31 2.73
N ILE B 6 3.83 12.00 3.57
CA ILE B 6 4.00 12.08 5.04
C ILE B 6 3.84 10.69 5.65
N TYR B 7 4.81 10.33 6.50
CA TYR B 7 4.85 9.06 7.24
C TYR B 7 4.70 9.43 8.70
N PRO B 8 3.48 9.32 9.24
CA PRO B 8 3.22 9.67 10.63
C PRO B 8 3.54 8.45 11.49
N GLY B 9 3.83 8.67 12.76
CA GLY B 9 4.11 7.58 13.70
C GLY B 9 4.50 8.11 15.05
N THR B 10 4.32 7.26 16.06
CA THR B 10 4.84 7.42 17.43
C THR B 10 6.33 7.11 17.41
N PHE B 11 6.75 6.08 16.67
CA PHE B 11 8.16 5.62 16.54
C PHE B 11 8.75 5.41 17.94
N ASP B 12 8.11 4.51 18.70
CA ASP B 12 8.35 4.29 20.13
C ASP B 12 8.84 2.84 20.33
N PRO B 13 10.06 2.44 19.95
CA PRO B 13 11.03 3.27 19.23
C PRO B 13 10.90 3.00 17.73
N VAL B 14 11.72 3.63 16.93
CA VAL B 14 11.93 3.24 15.50
C VAL B 14 12.51 1.82 15.43
N THR B 15 11.91 0.99 14.59
CA THR B 15 12.31 -0.43 14.42
C THR B 15 12.91 -0.56 13.03
N ASN B 16 13.49 -1.72 12.75
CA ASN B 16 14.00 -2.05 11.40
C ASN B 16 12.82 -1.98 10.42
N GLY B 17 11.61 -2.39 10.89
CA GLY B 17 10.37 -2.33 10.11
C GLY B 17 10.11 -0.91 9.61
N HIS B 18 10.22 0.08 10.49
CA HIS B 18 9.99 1.53 10.15
C HIS B 18 11.00 2.03 9.10
N ILE B 19 12.23 1.55 9.21
CA ILE B 19 13.37 1.96 8.33
C ILE B 19 13.14 1.41 6.92
N ASP B 20 12.66 0.16 6.81
CA ASP B 20 12.22 -0.47 5.53
C ASP B 20 11.17 0.43 4.87
N ILE B 21 10.20 0.92 5.64
CA ILE B 21 9.06 1.72 5.12
C ILE B 21 9.59 3.10 4.71
N ILE B 22 10.49 3.66 5.51
CA ILE B 22 11.08 4.98 5.17
C ILE B 22 11.89 4.81 3.87
N HIS B 23 12.57 3.66 3.73
CA HIS B 23 13.46 3.35 2.58
C HIS B 23 12.64 3.31 1.28
N ARG B 24 11.57 2.52 1.27
CA ARG B 24 10.78 2.21 0.05
C ARG B 24 9.96 3.44 -0.32
N SER B 25 9.40 4.10 0.68
CA SER B 25 8.57 5.31 0.48
C SER B 25 9.46 6.48 -0.01
N SER B 26 10.66 6.67 0.53
CA SER B 26 11.56 7.79 0.12
C SER B 26 11.98 7.64 -1.35
N GLU B 27 11.98 6.42 -1.90
CA GLU B 27 12.35 6.09 -3.30
C GLU B 27 11.26 6.54 -4.26
N LEU B 28 10.03 6.62 -3.77
CA LEU B 28 8.84 6.88 -4.62
C LEU B 28 8.47 8.36 -4.66
N PHE B 29 8.80 9.11 -3.60
CA PHE B 29 8.40 10.52 -3.37
C PHE B 29 9.62 11.43 -3.46
N GLU B 30 9.46 12.60 -4.06
CA GLU B 30 10.60 13.53 -4.19
C GLU B 30 11.03 13.92 -2.77
N LYS B 31 10.09 13.95 -1.81
CA LYS B 31 10.35 14.27 -0.38
C LYS B 31 9.44 13.44 0.54
N LEU B 32 10.03 12.86 1.60
CA LEU B 32 9.24 12.14 2.66
C LEU B 32 9.39 12.94 3.95
N ILE B 33 8.27 13.40 4.50
CA ILE B 33 8.23 13.94 5.88
C ILE B 33 7.85 12.82 6.83
N VAL B 34 8.68 12.61 7.84
CA VAL B 34 8.42 11.66 8.94
C VAL B 34 7.88 12.50 10.10
N ALA B 35 6.63 12.31 10.45
CA ALA B 35 5.95 13.19 11.42
C ALA B 35 5.84 12.41 12.74
N VAL B 36 6.55 12.89 13.77
CA VAL B 36 6.73 12.20 15.08
C VAL B 36 5.67 12.74 16.05
N ALA B 37 4.64 11.94 16.33
CA ALA B 37 3.44 12.29 17.12
C ALA B 37 3.77 12.35 18.62
N HIS B 38 3.02 13.17 19.35
CA HIS B 38 3.08 13.29 20.83
C HIS B 38 2.54 12.00 21.46
N SER B 39 1.37 11.58 20.98
CA SER B 39 0.68 10.29 21.28
C SER B 39 0.27 10.20 22.76
N SER B 40 0.31 11.31 23.51
CA SER B 40 0.05 11.41 24.98
C SER B 40 -1.03 10.42 25.41
N ALA B 41 -2.12 10.32 24.63
CA ALA B 41 -3.21 9.32 24.78
C ALA B 41 -2.61 7.95 25.06
N LYS B 42 -1.70 7.51 24.16
CA LYS B 42 -0.68 6.48 24.47
C LYS B 42 0.43 7.19 25.26
N ASN B 43 0.91 6.58 26.35
CA ASN B 43 1.98 7.15 27.21
C ASN B 43 3.28 6.51 26.75
N PRO B 44 4.02 7.11 25.79
CA PRO B 44 5.08 6.39 25.08
C PRO B 44 6.28 6.05 25.98
N MET B 45 6.93 4.91 25.73
CA MET B 45 8.13 4.46 26.47
C MET B 45 9.24 5.51 26.36
N PHE B 46 9.50 6.03 25.16
CA PHE B 46 10.54 7.04 24.89
C PHE B 46 9.86 8.40 24.74
N SER B 47 10.53 9.46 25.19
CA SER B 47 10.05 10.87 25.12
C SER B 47 10.13 11.34 23.68
N LEU B 48 9.37 12.40 23.32
CA LEU B 48 9.46 12.96 21.94
C LEU B 48 10.94 13.23 21.61
N ASP B 49 11.70 13.88 22.50
CA ASP B 49 13.11 14.24 22.19
C ASP B 49 13.91 13.00 21.81
N GLU B 50 13.82 11.95 22.63
CA GLU B 50 14.46 10.64 22.31
C GLU B 50 13.99 10.12 20.94
N ARG B 51 12.67 10.11 20.72
CA ARG B 51 12.06 9.49 19.51
C ARG B 51 12.41 10.32 18.26
N LEU B 52 12.48 11.64 18.38
CA LEU B 52 12.97 12.51 17.27
C LEU B 52 14.46 12.22 17.01
N LYS B 53 15.29 12.04 18.05
CA LYS B 53 16.75 11.88 17.85
C LYS B 53 17.05 10.50 17.25
N MET B 54 16.38 9.45 17.72
CA MET B 54 16.52 8.07 17.19
C MET B 54 16.20 8.06 15.70
N ILE B 55 15.08 8.65 15.29
CA ILE B 55 14.62 8.57 13.88
C ILE B 55 15.47 9.50 13.00
N GLN B 56 15.94 10.62 13.53
CA GLN B 56 16.85 11.54 12.81
C GLN B 56 18.20 10.84 12.64
N LEU B 57 18.66 10.17 13.68
CA LEU B 57 19.90 9.38 13.54
C LEU B 57 19.73 8.18 12.60
N ALA B 58 18.60 7.49 12.65
CA ALA B 58 18.37 6.24 11.90
C ALA B 58 18.21 6.56 10.40
N THR B 59 17.90 7.81 10.07
CA THR B 59 17.56 8.24 8.67
C THR B 59 18.57 9.25 8.10
N LYS B 60 19.78 9.39 8.66
CA LYS B 60 20.75 10.38 8.13
C LYS B 60 21.09 9.95 6.68
N SER B 61 21.14 8.65 6.38
CA SER B 61 21.56 8.11 5.06
C SER B 61 20.49 8.33 3.97
N PHE B 62 19.31 8.88 4.30
CA PHE B 62 18.28 9.29 3.30
C PHE B 62 18.24 10.80 3.23
N LYS B 63 18.58 11.35 2.07
CA LYS B 63 18.80 12.80 1.84
C LYS B 63 17.46 13.52 1.59
N ASN B 64 16.42 12.83 1.10
CA ASN B 64 15.10 13.49 0.83
C ASN B 64 14.10 13.28 1.99
N VAL B 65 14.57 12.85 3.16
CA VAL B 65 13.71 12.55 4.35
C VAL B 65 13.91 13.64 5.41
N GLU B 66 12.83 14.30 5.83
CA GLU B 66 12.89 15.30 6.92
C GLU B 66 12.04 14.78 8.08
N CYS B 67 12.51 15.02 9.29
CA CYS B 67 11.81 14.68 10.55
C CYS B 67 11.26 15.94 11.20
N VAL B 68 9.96 15.97 11.53
CA VAL B 68 9.31 17.08 12.27
C VAL B 68 8.52 16.49 13.45
N ALA B 69 8.44 17.23 14.55
CA ALA B 69 7.59 16.96 15.73
C ALA B 69 6.17 17.44 15.40
N PHE B 70 5.14 16.72 15.85
CA PHE B 70 3.75 17.06 15.43
C PHE B 70 2.71 16.54 16.43
N GLU B 71 1.73 17.38 16.76
CA GLU B 71 0.78 17.18 17.88
C GLU B 71 -0.66 17.48 17.44
N GLY B 72 -0.98 17.44 16.15
CA GLY B 72 -2.19 18.07 15.59
C GLY B 72 -3.14 17.12 14.86
N LEU B 73 -3.74 17.57 13.75
CA LEU B 73 -4.65 16.72 12.93
C LEU B 73 -3.91 16.45 11.62
N LEU B 74 -3.60 15.20 11.35
CA LEU B 74 -2.83 14.74 10.19
C LEU B 74 -3.38 15.40 8.92
N ALA B 75 -4.72 15.41 8.78
CA ALA B 75 -5.42 16.00 7.63
C ALA B 75 -4.97 17.45 7.44
N ASN B 76 -4.86 18.22 8.52
CA ASN B 76 -4.44 19.64 8.46
C ASN B 76 -2.95 19.72 8.13
N LEU B 77 -2.13 18.86 8.76
CA LEU B 77 -0.67 18.82 8.53
C LEU B 77 -0.39 18.58 7.03
N ALA B 78 -1.02 17.59 6.43
CA ALA B 78 -0.91 17.31 4.97
C ALA B 78 -1.34 18.54 4.17
N LYS B 79 -2.39 19.25 4.56
CA LYS B 79 -2.83 20.42 3.77
C LYS B 79 -1.73 21.49 3.81
N GLU B 80 -1.05 21.66 4.94
CA GLU B 80 -0.11 22.78 5.09
C GLU B 80 1.16 22.44 4.27
N TYR B 81 1.37 21.16 3.94
CA TYR B 81 2.51 20.75 3.08
C TYR B 81 2.02 20.52 1.65
N HIS B 82 0.76 20.84 1.37
CA HIS B 82 0.06 20.50 0.10
C HIS B 82 0.31 19.03 -0.26
N CYS B 83 0.29 18.14 0.74
CA CYS B 83 0.54 16.69 0.63
C CYS B 83 -0.74 15.92 0.28
N LYS B 84 -0.67 15.01 -0.72
CA LYS B 84 -1.88 14.28 -1.16
C LYS B 84 -1.78 12.81 -0.73
N VAL B 85 -0.73 12.39 0.00
CA VAL B 85 -0.41 10.97 0.32
C VAL B 85 0.12 10.80 1.75
N LEU B 86 -0.64 10.05 2.54
CA LEU B 86 -0.21 9.46 3.83
C LEU B 86 0.39 8.09 3.58
N VAL B 87 1.63 7.89 4.03
CA VAL B 87 2.36 6.60 4.01
C VAL B 87 2.05 5.88 5.33
N ARG B 88 1.65 4.62 5.20
CA ARG B 88 1.40 3.75 6.37
C ARG B 88 2.07 2.43 6.06
N GLY B 89 2.43 1.70 7.12
CA GLY B 89 3.07 0.38 7.04
C GLY B 89 2.09 -0.70 7.43
N LEU B 90 2.14 -1.85 6.76
CA LEU B 90 1.25 -3.02 7.00
C LEU B 90 2.12 -4.19 7.43
N ARG B 91 1.71 -4.91 8.47
CA ARG B 91 2.47 -6.05 9.04
C ARG B 91 1.49 -7.17 9.42
N VAL B 92 2.01 -8.36 9.70
CA VAL B 92 1.19 -9.56 10.02
C VAL B 92 0.22 -9.22 11.16
N VAL B 93 0.68 -8.44 12.16
CA VAL B 93 -0.14 -8.14 13.36
C VAL B 93 -0.99 -6.86 13.19
N SER B 94 -1.07 -6.27 12.01
CA SER B 94 -1.89 -5.06 11.73
C SER B 94 -3.39 -5.30 12.02
N ASP B 95 -4.08 -4.29 12.55
CA ASP B 95 -5.57 -4.29 12.56
C ASP B 95 -6.00 -3.71 11.21
N PHE B 96 -6.20 -4.54 10.21
CA PHE B 96 -6.28 -4.11 8.78
C PHE B 96 -7.49 -3.18 8.59
N GLU B 97 -8.61 -3.53 9.22
CA GLU B 97 -9.88 -2.79 9.07
C GLU B 97 -9.74 -1.42 9.74
N TYR B 98 -9.04 -1.37 10.88
CA TYR B 98 -8.72 -0.10 11.57
C TYR B 98 -7.89 0.77 10.62
N GLU B 99 -6.86 0.21 9.98
CA GLU B 99 -6.05 0.96 8.98
C GLU B 99 -6.95 1.53 7.87
N LEU B 100 -7.89 0.73 7.33
CA LEU B 100 -8.82 1.20 6.30
C LEU B 100 -9.68 2.31 6.89
N GLN B 101 -10.20 2.14 8.11
CA GLN B 101 -11.09 3.14 8.72
C GLN B 101 -10.33 4.48 8.80
N MET B 102 -9.07 4.43 9.21
CA MET B 102 -8.21 5.62 9.37
C MET B 102 -7.99 6.28 7.99
N GLY B 103 -7.79 5.50 6.94
CA GLY B 103 -7.66 6.06 5.57
C GLY B 103 -8.89 6.82 5.10
N TYR B 104 -10.07 6.27 5.31
CA TYR B 104 -11.35 6.95 4.99
C TYR B 104 -11.64 8.13 5.94
N ALA B 105 -11.30 8.07 7.23
CA ALA B 105 -11.45 9.23 8.14
C ALA B 105 -10.61 10.43 7.63
N ASN B 106 -9.33 10.20 7.38
CA ASN B 106 -8.35 11.23 6.92
C ASN B 106 -8.81 11.84 5.58
N LYS B 107 -9.40 11.04 4.69
CA LYS B 107 -9.90 11.50 3.36
C LYS B 107 -11.21 12.27 3.53
N SER B 108 -12.09 11.89 4.45
CA SER B 108 -13.28 12.69 4.87
C SER B 108 -12.83 14.09 5.39
N LEU B 109 -11.72 14.20 6.14
CA LEU B 109 -11.28 15.50 6.72
C LEU B 109 -10.56 16.32 5.63
N ASN B 110 -10.01 15.68 4.60
CA ASN B 110 -9.21 16.35 3.55
C ASN B 110 -9.35 15.54 2.25
N HIS B 111 -10.20 16.01 1.33
CA HIS B 111 -10.69 15.22 0.15
C HIS B 111 -9.55 14.97 -0.83
N GLU B 112 -8.44 15.69 -0.72
CA GLU B 112 -7.19 15.46 -1.49
C GLU B 112 -6.35 14.30 -0.93
N LEU B 113 -6.65 13.82 0.27
CA LEU B 113 -5.65 13.03 1.06
C LEU B 113 -5.90 11.51 0.93
N GLU B 114 -5.01 10.84 0.19
CA GLU B 114 -5.01 9.38 -0.10
C GLU B 114 -4.06 8.68 0.86
N THR B 115 -4.26 7.39 1.14
CA THR B 115 -3.36 6.59 2.00
C THR B 115 -2.77 5.44 1.20
N LEU B 116 -1.47 5.26 1.35
CA LEU B 116 -0.69 4.24 0.61
C LEU B 116 -0.02 3.32 1.63
N TYR B 117 -0.08 2.01 1.42
CA TYR B 117 0.47 1.03 2.39
C TYR B 117 1.70 0.35 1.81
N PHE B 118 2.79 0.39 2.58
CA PHE B 118 4.07 -0.32 2.30
C PHE B 118 4.20 -1.50 3.26
N MET B 119 4.96 -2.50 2.84
CA MET B 119 5.31 -3.69 3.67
C MET B 119 6.76 -3.55 4.07
N PRO B 120 7.16 -4.03 5.27
CA PRO B 120 8.57 -4.17 5.61
C PRO B 120 9.07 -5.43 4.88
N THR B 121 10.37 -5.70 4.95
CA THR B 121 10.93 -6.95 4.39
C THR B 121 10.43 -8.12 5.24
N LEU B 122 10.50 -9.34 4.71
CA LEU B 122 9.98 -10.56 5.36
C LEU B 122 10.62 -10.74 6.73
N GLN B 123 11.92 -10.53 6.82
CA GLN B 123 12.68 -10.70 8.10
C GLN B 123 12.08 -9.77 9.15
N ASN B 124 11.38 -8.70 8.75
CA ASN B 124 10.86 -7.69 9.69
C ASN B 124 9.33 -7.76 9.80
N ALA B 125 8.68 -8.76 9.19
CA ALA B 125 7.21 -8.76 8.95
C ALA B 125 6.48 -8.97 10.28
N PHE B 126 7.17 -9.57 11.24
CA PHE B 126 6.64 -9.84 12.60
C PHE B 126 7.20 -8.84 13.61
N ILE B 127 7.98 -7.85 13.19
CA ILE B 127 8.40 -6.78 14.14
C ILE B 127 7.23 -5.80 14.30
N SER B 128 7.00 -5.39 15.52
CA SER B 128 6.07 -4.30 15.91
C SER B 128 6.77 -3.54 17.03
N SER B 129 6.58 -2.23 17.08
CA SER B 129 6.99 -1.39 18.23
C SER B 129 6.66 -2.09 19.56
N SER B 130 5.45 -2.62 19.71
CA SER B 130 4.94 -3.23 20.98
C SER B 130 5.82 -4.40 21.39
N ILE B 131 6.21 -5.26 20.46
CA ILE B 131 7.21 -6.35 20.74
C ILE B 131 8.45 -5.71 21.35
N VAL B 132 9.00 -4.73 20.63
CA VAL B 132 10.33 -4.13 20.90
C VAL B 132 10.25 -3.51 22.31
N ARG B 133 9.13 -2.83 22.63
CA ARG B 133 8.96 -2.22 23.98
C ARG B 133 8.91 -3.32 25.04
N SER B 134 8.19 -4.40 24.77
CA SER B 134 8.13 -5.56 25.69
C SER B 134 9.54 -6.12 25.95
N ILE B 135 10.30 -6.35 24.89
CA ILE B 135 11.66 -6.94 25.01
C ILE B 135 12.55 -5.96 25.78
N ILE B 136 12.45 -4.64 25.49
CA ILE B 136 13.17 -3.57 26.25
C ILE B 136 12.73 -3.60 27.71
N ALA B 137 11.42 -3.49 27.95
CA ALA B 137 10.79 -3.43 29.29
C ALA B 137 11.23 -4.62 30.16
N HIS B 138 11.41 -5.78 29.52
CA HIS B 138 11.79 -7.04 30.20
C HIS B 138 13.32 -7.25 30.19
N LYS B 139 14.10 -6.24 29.79
CA LYS B 139 15.59 -6.23 29.86
C LYS B 139 16.12 -7.38 29.01
N GLY B 140 15.46 -7.58 27.86
CA GLY B 140 15.84 -8.53 26.80
C GLY B 140 16.69 -7.81 25.76
N ASP B 141 17.30 -8.54 24.85
CA ASP B 141 18.12 -8.00 23.74
C ASP B 141 17.21 -7.64 22.56
N ALA B 142 17.06 -6.35 22.31
CA ALA B 142 16.25 -5.83 21.18
C ALA B 142 17.17 -5.44 20.03
N SER B 143 18.47 -5.71 20.11
CA SER B 143 19.49 -5.19 19.14
C SER B 143 19.30 -5.74 17.73
N HIS B 144 18.70 -6.94 17.56
CA HIS B 144 18.38 -7.54 16.23
C HIS B 144 17.17 -6.86 15.57
N LEU B 145 16.42 -6.02 16.30
CA LEU B 145 15.08 -5.54 15.87
C LEU B 145 15.09 -4.04 15.53
N VAL B 146 16.14 -3.31 15.89
CA VAL B 146 16.19 -1.82 15.76
C VAL B 146 17.52 -1.50 15.10
N PRO B 147 17.65 -0.36 14.38
CA PRO B 147 18.92 -0.03 13.71
C PRO B 147 20.04 0.06 14.76
N LYS B 148 21.24 -0.44 14.47
CA LYS B 148 22.33 -0.46 15.49
C LYS B 148 22.66 0.97 15.95
N GLU B 149 22.55 1.99 15.08
CA GLU B 149 22.98 3.37 15.44
C GLU B 149 22.04 3.99 16.48
N ILE B 150 20.92 3.36 16.82
CA ILE B 150 20.02 3.90 17.88
C ILE B 150 19.99 2.98 19.11
N TYR B 151 20.61 1.79 19.08
CA TYR B 151 20.49 0.83 20.22
C TYR B 151 21.08 1.46 21.49
N PRO B 152 22.21 2.19 21.40
CA PRO B 152 22.78 2.81 22.59
C PRO B 152 21.72 3.66 23.29
N LEU B 153 21.00 4.48 22.51
CA LEU B 153 19.93 5.34 23.05
C LEU B 153 18.86 4.47 23.71
N ILE B 154 18.17 3.58 22.97
CA ILE B 154 17.03 2.82 23.56
C ILE B 154 17.53 2.12 24.83
N SER B 155 18.60 1.33 24.75
CA SER B 155 18.89 0.35 25.83
C SER B 155 18.86 1.05 27.19
N LYS B 156 19.26 2.32 27.24
CA LYS B 156 19.34 3.12 28.50
C LYS B 156 17.96 3.43 29.07
N ALA B 157 17.21 4.32 28.41
CA ALA B 157 15.92 4.86 28.92
C ALA B 157 15.22 5.66 27.83
O23 PNS C . -7.28 -10.57 -8.73
P24 PNS C . -6.58 -11.75 -8.04
O25 PNS C . -6.44 -11.61 -6.53
O26 PNS C . -7.10 -13.08 -8.53
O27 PNS C . -5.04 -11.68 -8.57
C28 PNS C . -3.98 -12.44 -7.96
C29 PNS C . -2.95 -12.71 -9.05
C30 PNS C . -3.71 -13.09 -10.33
C31 PNS C . -2.20 -11.40 -9.31
C32 PNS C . -1.92 -13.81 -8.74
O33 PNS C . -2.58 -15.07 -8.66
C34 PNS C . -0.81 -13.97 -9.77
O35 PNS C . 0.21 -13.30 -9.70
N36 PNS C . -1.01 -14.90 -10.71
C37 PNS C . -0.07 -15.13 -11.79
C38 PNS C . 0.81 -16.32 -11.54
C39 PNS C . 1.67 -16.19 -10.31
O40 PNS C . 2.66 -15.46 -10.30
N41 PNS C . 1.38 -16.99 -9.27
C42 PNS C . 2.25 -17.14 -8.12
C43 PNS C . 1.92 -16.14 -7.05
S44 PNS C . 3.22 -16.01 -5.79
#